data_4H55
#
_entry.id   4H55
#
_cell.length_a   67.240
_cell.length_b   70.430
_cell.length_c   97.570
_cell.angle_alpha   90.00
_cell.angle_beta   90.00
_cell.angle_gamma   90.00
#
_symmetry.space_group_name_H-M   'I 2 2 2'
#
loop_
_entity.id
_entity.type
_entity.pdbx_description
1 polymer Concanavalin-Br
2 non-polymer 'CALCIUM ION'
3 non-polymer 'MANGANESE (II) ION'
4 non-polymer beta-D-ribofuranose
5 non-polymer 'D-ALPHA-AMINOBUTYRIC ACID'
6 water water
#
_entity_poly.entity_id   1
_entity_poly.type   'polypeptide(L)'
_entity_poly.pdbx_seq_one_letter_code
;ADTIVAVELDTYPNTDIGDPSYPHIGIDIKSVRSKKTAKWNMQNGKVGTAHIIYNSVGKRLSAVVSYPNGDSATVSYDVD
LDNVLPEWVRVGLSASTGLYKETNTILSWSFTSKLKSNSTHETNALHFMFNQFSKDQKDLILQGDATTGTEGNLRLTRVS
SNGSPQGSSVGRALFYAPVHIWESSAVVASFEATFTFLIKSPDSHPADGIAFFISNIDSSIPSGSTGRLLGLFPDAN
;
_entity_poly.pdbx_strand_id   A
#
# COMPACT_ATOMS: atom_id res chain seq x y z
N ALA A 1 -8.27 -10.49 12.59
CA ALA A 1 -8.49 -11.71 11.77
C ALA A 1 -7.51 -11.70 10.57
N ASP A 2 -7.53 -10.64 9.74
CA ASP A 2 -6.62 -10.50 8.57
C ASP A 2 -5.16 -10.46 9.00
N THR A 3 -4.30 -11.14 8.23
CA THR A 3 -2.86 -11.01 8.36
C THR A 3 -2.42 -10.00 7.32
N ILE A 4 -1.75 -8.96 7.75
CA ILE A 4 -1.32 -7.91 6.85
C ILE A 4 0.21 -7.78 6.84
N VAL A 5 0.78 -7.70 5.65
CA VAL A 5 2.09 -7.10 5.53
C VAL A 5 2.02 -5.90 4.60
N ALA A 6 2.60 -4.78 4.98
CA ALA A 6 2.40 -3.59 4.21
C ALA A 6 3.55 -2.61 4.16
N VAL A 7 3.65 -1.92 3.05
CA VAL A 7 4.46 -0.74 3.03
C VAL A 7 3.57 0.47 3.07
N GLU A 8 3.71 1.30 4.11
CA GLU A 8 2.89 2.50 4.24
C GLU A 8 3.62 3.76 3.88
N LEU A 9 2.91 4.61 3.20
CA LEU A 9 3.36 5.91 2.88
C LEU A 9 2.49 6.69 3.80
N ASP A 10 3.10 7.11 4.91
CA ASP A 10 2.33 7.64 5.99
C ASP A 10 2.55 9.12 6.08
N THR A 11 1.54 9.85 5.64
CA THR A 11 1.64 11.30 5.50
C THR A 11 1.37 11.99 6.83
N TYR A 12 0.79 11.32 7.81
CA TYR A 12 0.37 12.02 9.00
C TYR A 12 0.83 11.35 10.28
N PRO A 13 1.67 12.03 11.06
CA PRO A 13 2.30 11.46 12.25
C PRO A 13 1.32 11.22 13.39
N ASN A 14 0.99 9.96 13.64
CA ASN A 14 0.12 9.62 14.75
C ASN A 14 1.00 9.16 15.88
N THR A 15 1.60 10.12 16.58
CA THR A 15 2.67 9.82 17.54
C THR A 15 2.19 8.94 18.69
N ASP A 16 0.91 9.02 19.01
CA ASP A 16 0.38 8.28 20.16
C ASP A 16 0.22 6.80 19.80
N ILE A 17 0.41 6.46 18.53
CA ILE A 17 0.38 5.04 18.14
C ILE A 17 1.65 4.55 17.43
N GLY A 18 2.78 5.13 17.76
CA GLY A 18 3.98 4.64 17.16
C GLY A 18 4.61 5.53 16.12
N ASP A 19 3.84 6.28 15.35
CA ASP A 19 4.49 7.00 14.24
C ASP A 19 5.64 7.81 14.74
N PRO A 20 6.63 8.06 13.90
CA PRO A 20 7.51 9.12 14.29
C PRO A 20 6.73 10.41 14.08
N SER A 21 7.35 11.53 14.42
CA SER A 21 6.73 12.84 14.38
C SER A 21 6.98 13.49 13.01
N TYR A 22 7.18 12.68 12.01
CA TYR A 22 7.23 13.19 10.65
C TYR A 22 6.46 12.32 9.74
N PRO A 23 6.11 12.78 8.56
CA PRO A 23 5.61 11.88 7.54
C PRO A 23 6.70 10.84 7.25
N HIS A 24 6.27 9.62 7.01
CA HIS A 24 7.21 8.50 7.02
C HIS A 24 6.71 7.39 6.11
N ILE A 25 7.67 6.63 5.58
CA ILE A 25 7.31 5.36 4.99
C ILE A 25 7.60 4.29 6.03
N GLY A 26 6.84 3.23 5.97
CA GLY A 26 6.92 2.23 7.02
C GLY A 26 6.73 0.85 6.43
N ILE A 27 7.46 -0.12 6.99
CA ILE A 27 7.15 -1.53 6.80
C ILE A 27 6.32 -1.99 7.98
N ASP A 28 5.17 -2.58 7.68
CA ASP A 28 4.22 -3.00 8.71
C ASP A 28 4.07 -4.48 8.57
N ILE A 29 4.33 -5.18 9.66
CA ILE A 29 4.16 -6.60 9.73
C ILE A 29 3.11 -6.88 10.78
N LYS A 30 1.88 -7.11 10.31
CA LYS A 30 0.78 -7.56 11.19
C LYS A 30 0.42 -6.53 12.28
N SER A 31 0.83 -5.29 12.09
CA SER A 31 0.55 -4.24 13.06
C SER A 31 0.78 -2.92 12.36
N VAL A 32 -0.05 -1.93 12.67
CA VAL A 32 0.13 -0.60 12.10
C VAL A 32 1.32 0.13 12.71
N ARG A 33 1.82 -0.38 13.81
CA ARG A 33 3.01 0.21 14.36
C ARG A 33 4.10 -0.42 13.58
N SER A 34 4.69 0.35 12.69
CA SER A 34 5.67 -0.14 11.74
C SER A 34 6.83 -0.73 12.50
N LYS A 35 7.39 -1.82 11.95
CA LYS A 35 8.63 -2.35 12.47
C LYS A 35 9.77 -1.46 12.13
N LYS A 36 9.66 -0.72 11.03
CA LYS A 36 10.76 0.13 10.58
C LYS A 36 10.21 1.29 9.74
N THR A 37 10.77 2.51 9.90
CA THR A 37 10.25 3.64 9.16
C THR A 37 11.39 4.48 8.72
N ALA A 38 11.11 5.44 7.87
CA ALA A 38 12.12 6.38 7.44
C ALA A 38 11.36 7.68 7.24
N LYS A 39 11.97 8.80 7.61
CA LYS A 39 11.35 10.09 7.36
C LYS A 39 11.09 10.25 5.86
N TRP A 40 9.86 10.66 5.54
CA TRP A 40 9.53 10.82 4.14
C TRP A 40 8.94 12.19 3.91
N ASN A 41 9.57 12.97 3.04
CA ASN A 41 9.00 14.25 2.64
C ASN A 41 7.92 14.07 1.55
N MET A 42 6.68 13.79 1.93
CA MET A 42 5.57 13.79 0.93
C MET A 42 5.51 15.09 0.13
N GLN A 43 5.52 15.05 -1.21
CA GLN A 43 5.53 16.31 -1.98
C GLN A 43 4.16 16.54 -2.52
N ASN A 44 3.49 17.53 -1.95
CA ASN A 44 2.09 17.74 -2.16
C ASN A 44 1.75 17.99 -3.61
N GLY A 45 0.81 17.23 -4.15
CA GLY A 45 0.45 17.41 -5.54
C GLY A 45 1.41 16.86 -6.58
N LYS A 46 2.51 16.23 -6.18
CA LYS A 46 3.47 15.69 -7.15
C LYS A 46 3.25 14.21 -7.26
N VAL A 47 3.58 13.69 -8.43
CA VAL A 47 3.47 12.27 -8.66
C VAL A 47 4.66 11.52 -8.06
N GLY A 48 4.36 10.61 -7.16
CA GLY A 48 5.41 9.86 -6.51
C GLY A 48 5.41 8.43 -6.99
N THR A 49 6.51 7.71 -6.72
CA THR A 49 6.60 6.30 -7.11
C THR A 49 7.04 5.49 -5.90
N ALA A 50 6.35 4.41 -5.62
CA ALA A 50 6.84 3.50 -4.61
C ALA A 50 7.32 2.20 -5.28
N HIS A 51 8.45 1.66 -4.81
CA HIS A 51 8.88 0.35 -5.17
C HIS A 51 9.01 -0.45 -3.90
N ILE A 52 8.39 -1.64 -3.89
CA ILE A 52 8.52 -2.62 -2.81
C ILE A 52 9.20 -3.87 -3.39
N ILE A 53 10.19 -4.39 -2.69
CA ILE A 53 11.04 -5.45 -3.19
C ILE A 53 11.24 -6.38 -2.03
N TYR A 54 11.00 -7.67 -2.24
CA TYR A 54 11.31 -8.73 -1.31
C TYR A 54 11.77 -9.98 -2.05
N ASN A 55 12.79 -10.65 -1.53
CA ASN A 55 13.04 -12.01 -1.92
C ASN A 55 13.32 -12.87 -0.69
N SER A 56 12.91 -14.14 -0.76
CA SER A 56 13.16 -15.09 0.32
C SER A 56 14.61 -15.50 0.55
N VAL A 57 15.54 -15.11 -0.34
CA VAL A 57 16.95 -15.33 -0.09
C VAL A 57 17.50 -14.35 0.91
N GLY A 58 17.45 -13.07 0.57
CA GLY A 58 17.99 -12.01 1.41
C GLY A 58 17.08 -11.81 2.60
N LYS A 59 15.80 -12.09 2.41
CA LYS A 59 14.77 -11.99 3.43
C LYS A 59 14.70 -10.62 4.02
N ARG A 60 14.76 -9.64 3.16
CA ARG A 60 14.79 -8.23 3.46
C ARG A 60 13.67 -7.69 2.63
N LEU A 61 12.72 -7.04 3.28
CA LEU A 61 11.66 -6.34 2.56
C LEU A 61 12.03 -4.87 2.50
N SER A 62 12.03 -4.31 1.30
CA SER A 62 12.42 -2.94 1.14
C SER A 62 11.42 -2.21 0.33
N ALA A 63 11.36 -0.90 0.59
CA ALA A 63 10.58 0.03 -0.14
C ALA A 63 11.42 1.24 -0.29
N VAL A 64 11.23 1.90 -1.43
CA VAL A 64 11.74 3.24 -1.62
C VAL A 64 10.60 4.03 -2.30
N VAL A 65 10.42 5.26 -1.82
CA VAL A 65 9.46 6.19 -2.39
C VAL A 65 10.27 7.40 -2.80
N SER A 66 10.11 7.78 -4.05
CA SER A 66 10.77 8.93 -4.60
C SER A 66 9.79 9.82 -5.36
N TYR A 67 10.22 11.05 -5.58
CA TYR A 67 9.56 11.94 -6.51
C TYR A 67 10.56 12.29 -7.58
N PRO A 68 10.08 12.90 -8.69
CA PRO A 68 10.86 13.35 -9.85
C PRO A 68 12.04 14.28 -9.58
N ASN A 69 12.00 15.07 -8.51
CA ASN A 69 13.13 15.97 -8.14
C ASN A 69 14.20 15.10 -7.54
N GLY A 70 13.82 13.86 -7.24
CA GLY A 70 14.77 12.84 -6.85
C GLY A 70 14.85 12.68 -5.36
N ASP A 71 14.18 13.53 -4.60
CA ASP A 71 14.16 13.20 -3.20
C ASP A 71 13.51 11.84 -3.10
N SER A 72 14.09 10.95 -2.31
CA SER A 72 13.53 9.62 -2.13
C SER A 72 13.81 9.20 -0.69
N ALA A 73 12.91 8.43 -0.13
CA ALA A 73 13.02 7.87 1.18
C ALA A 73 13.02 6.35 1.09
N THR A 74 13.86 5.71 1.91
CA THR A 74 13.97 4.26 1.80
C THR A 74 13.90 3.56 3.14
N VAL A 75 13.31 2.39 3.12
CA VAL A 75 13.14 1.64 4.33
C VAL A 75 13.34 0.16 4.03
N SER A 76 13.98 -0.53 4.96
CA SER A 76 14.21 -1.96 4.84
C SER A 76 13.98 -2.64 6.17
N TYR A 77 13.54 -3.89 6.08
CA TYR A 77 13.35 -4.66 7.28
C TYR A 77 13.57 -6.13 6.97
N ASP A 78 14.36 -6.80 7.82
CA ASP A 78 14.73 -8.20 7.69
C ASP A 78 13.64 -8.96 8.39
N VAL A 79 12.94 -9.77 7.59
CA VAL A 79 11.80 -10.50 8.03
C VAL A 79 11.59 -11.71 7.12
N ASP A 80 11.32 -12.84 7.72
CA ASP A 80 10.97 -13.98 6.93
C ASP A 80 9.48 -14.07 6.69
N LEU A 81 9.05 -13.64 5.52
CA LEU A 81 7.63 -13.54 5.26
C LEU A 81 6.87 -14.88 5.18
N ASP A 82 7.59 -15.99 4.97
CA ASP A 82 7.04 -17.34 5.03
C ASP A 82 6.42 -17.61 6.42
N ASN A 83 7.00 -16.98 7.43
CA ASN A 83 6.58 -17.09 8.79
C ASN A 83 5.44 -16.20 9.12
N VAL A 84 5.15 -15.25 8.24
CA VAL A 84 4.15 -14.24 8.50
C VAL A 84 2.89 -14.46 7.70
N LEU A 85 3.03 -14.69 6.40
CA LEU A 85 1.90 -14.71 5.47
C LEU A 85 1.38 -16.09 5.11
N PRO A 86 0.08 -16.19 4.85
CA PRO A 86 -0.27 -17.53 4.44
C PRO A 86 0.27 -17.66 3.04
N GLU A 87 0.44 -18.89 2.61
CA GLU A 87 0.94 -19.27 1.32
C GLU A 87 0.30 -18.50 0.16
N TRP A 88 -1.02 -18.28 0.26
CA TRP A 88 -1.75 -17.57 -0.78
C TRP A 88 -2.28 -16.31 -0.17
N VAL A 89 -2.16 -15.26 -0.96
CA VAL A 89 -2.45 -13.98 -0.52
C VAL A 89 -3.16 -13.25 -1.64
N ARG A 90 -3.72 -12.10 -1.27
CA ARG A 90 -4.00 -11.10 -2.22
C ARG A 90 -3.10 -9.91 -2.01
N VAL A 91 -2.91 -9.16 -3.06
CA VAL A 91 -2.06 -7.99 -2.98
C VAL A 91 -2.88 -6.78 -3.30
N GLY A 92 -2.54 -5.68 -2.66
CA GLY A 92 -3.31 -4.51 -2.97
C GLY A 92 -2.81 -3.21 -2.45
N LEU A 93 -3.65 -2.22 -2.64
CA LEU A 93 -3.31 -0.89 -2.27
C LEU A 93 -4.45 -0.40 -1.39
N SER A 94 -4.14 0.47 -0.43
CA SER A 94 -5.10 0.84 0.62
C SER A 94 -4.89 2.30 0.88
N ALA A 95 -5.96 3.06 1.16
CA ALA A 95 -5.71 4.47 1.54
C ALA A 95 -6.75 4.99 2.51
N SER A 96 -6.36 6.02 3.23
CA SER A 96 -7.16 6.62 4.24
C SER A 96 -7.06 8.11 4.29
N THR A 97 -8.16 8.73 4.63
CA THR A 97 -8.13 10.10 5.14
C THR A 97 -8.81 9.93 6.51
N GLY A 98 -8.67 10.91 7.37
CA GLY A 98 -9.40 10.84 8.64
C GLY A 98 -10.02 12.20 8.87
N LEU A 99 -9.48 12.91 9.83
CA LEU A 99 -9.85 14.28 10.12
C LEU A 99 -9.23 15.19 9.09
N TYR A 100 -8.04 14.81 8.64
CA TYR A 100 -7.31 15.53 7.63
C TYR A 100 -7.39 14.62 6.45
N LYS A 101 -7.07 15.13 5.27
CA LYS A 101 -7.43 14.39 4.09
C LYS A 101 -6.47 14.71 2.97
N GLU A 102 -6.61 13.97 1.87
CA GLU A 102 -5.74 14.10 0.73
C GLU A 102 -6.31 13.27 -0.38
N THR A 103 -5.92 13.59 -1.64
CA THR A 103 -6.24 12.67 -2.74
C THR A 103 -5.34 11.44 -2.51
N ASN A 104 -5.86 10.26 -2.78
CA ASN A 104 -5.04 9.05 -2.71
C ASN A 104 -5.23 8.43 -4.10
N THR A 105 -4.58 9.08 -5.06
CA THR A 105 -4.68 8.72 -6.45
C THR A 105 -3.45 7.88 -6.76
N ILE A 106 -3.75 6.70 -7.26
CA ILE A 106 -2.80 5.77 -7.82
C ILE A 106 -2.91 6.01 -9.32
N LEU A 107 -1.77 6.36 -9.91
CA LEU A 107 -1.72 6.43 -11.38
C LEU A 107 -1.28 5.12 -12.10
N SER A 108 -0.45 4.33 -11.46
CA SER A 108 -0.10 3.02 -11.98
C SER A 108 0.28 2.08 -10.85
N TRP A 109 0.13 0.81 -11.11
CA TRP A 109 0.46 -0.16 -10.12
C TRP A 109 0.87 -1.41 -10.82
N SER A 110 2.01 -1.95 -10.40
CA SER A 110 2.51 -3.18 -10.99
C SER A 110 3.04 -4.10 -9.95
N PHE A 111 3.00 -5.40 -10.28
CA PHE A 111 3.34 -6.39 -9.27
C PHE A 111 3.85 -7.62 -9.97
N THR A 112 4.89 -8.19 -9.38
CA THR A 112 5.48 -9.43 -9.91
C THR A 112 5.75 -10.34 -8.75
N SER A 113 5.26 -11.56 -8.88
CA SER A 113 5.50 -12.53 -7.84
C SER A 113 6.11 -13.72 -8.50
N LYS A 114 7.23 -14.20 -8.00
CA LYS A 114 7.76 -15.44 -8.58
C LYS A 114 7.99 -16.49 -7.53
N LEU A 115 7.75 -17.72 -7.92
CA LEU A 115 8.26 -18.87 -7.19
C LEU A 115 9.23 -19.59 -8.09
N LYS A 116 10.51 -19.62 -7.72
CA LYS A 116 11.53 -20.40 -8.49
C LYS A 116 11.93 -21.64 -7.72
N SER A 117 11.80 -22.81 -8.34
CA SER A 117 12.14 -24.12 -7.70
C SER A 117 13.60 -24.61 -7.89
N ASN A 118 13.85 -25.80 -7.34
CA ASN A 118 15.24 -26.35 -7.18
C ASN A 118 15.90 -27.07 -8.36
N THR A 123 9.39 -22.64 -12.18
CA THR A 123 8.92 -21.30 -11.83
C THR A 123 7.43 -21.12 -12.01
N ASN A 124 6.82 -20.52 -11.00
CA ASN A 124 5.50 -19.92 -11.15
C ASN A 124 5.61 -18.43 -10.91
N ALA A 125 4.85 -17.70 -11.69
CA ALA A 125 4.97 -16.28 -11.72
C ALA A 125 3.63 -15.69 -12.01
N LEU A 126 3.35 -14.60 -11.30
CA LEU A 126 2.21 -13.73 -11.62
C LEU A 126 2.73 -12.30 -11.81
N HIS A 127 2.35 -11.63 -12.88
CA HIS A 127 2.72 -10.24 -13.01
C HIS A 127 1.57 -9.47 -13.53
N PHE A 128 1.23 -8.37 -12.90
CA PHE A 128 0.26 -7.50 -13.54
C PHE A 128 0.80 -6.11 -13.57
N MET A 129 0.43 -5.38 -14.61
CA MET A 129 0.83 -3.99 -14.62
C MET A 129 -0.40 -3.19 -14.92
N PHE A 130 -0.75 -2.19 -14.12
CA PHE A 130 -1.78 -1.24 -14.56
C PHE A 130 -1.21 0.13 -14.72
N ASN A 131 -1.18 0.65 -15.94
CA ASN A 131 -0.71 2.05 -16.14
C ASN A 131 -1.87 2.96 -16.36
N GLN A 132 -3.01 2.33 -16.50
CA GLN A 132 -4.23 3.01 -16.81
C GLN A 132 -5.26 2.13 -16.11
N PHE A 133 -6.05 2.68 -15.24
CA PHE A 133 -7.13 1.91 -14.65
C PHE A 133 -8.40 2.25 -15.45
N SER A 134 -9.42 1.40 -15.46
CA SER A 134 -10.62 1.74 -16.25
C SER A 134 -11.81 1.68 -15.34
N LYS A 135 -12.94 2.22 -15.84
CA LYS A 135 -14.20 2.35 -15.10
C LYS A 135 -14.66 1.01 -14.60
N ASP A 136 -14.49 -0.02 -15.39
CA ASP A 136 -15.05 -1.27 -14.90
C ASP A 136 -13.96 -2.32 -14.86
N GLN A 137 -13.08 -2.21 -13.87
CA GLN A 137 -11.82 -2.95 -13.88
C GLN A 137 -11.94 -4.38 -13.32
N LYS A 138 -12.26 -5.33 -14.18
CA LYS A 138 -12.72 -6.61 -13.72
C LYS A 138 -11.70 -7.54 -13.01
N ASP A 139 -10.43 -7.20 -13.02
CA ASP A 139 -9.35 -7.90 -12.29
C ASP A 139 -8.94 -7.15 -11.02
N LEU A 140 -9.71 -6.14 -10.66
CA LEU A 140 -9.47 -5.45 -9.40
C LEU A 140 -10.67 -5.64 -8.49
N ILE A 141 -10.42 -5.75 -7.19
CA ILE A 141 -11.47 -5.83 -6.22
C ILE A 141 -11.41 -4.50 -5.51
N LEU A 142 -12.46 -3.68 -5.64
CA LEU A 142 -12.46 -2.36 -5.02
C LEU A 142 -13.19 -2.52 -3.70
N GLN A 143 -12.70 -1.88 -2.65
CA GLN A 143 -13.36 -1.93 -1.35
C GLN A 143 -13.54 -0.53 -0.80
N GLY A 144 -14.61 -0.34 -0.01
CA GLY A 144 -14.86 0.93 0.61
C GLY A 144 -15.02 1.97 -0.47
N ASP A 145 -14.20 3.02 -0.38
CA ASP A 145 -14.42 4.20 -1.19
C ASP A 145 -13.64 4.24 -2.50
N ALA A 146 -12.80 3.23 -2.73
CA ALA A 146 -11.91 3.15 -3.92
C ALA A 146 -12.73 3.13 -5.19
N THR A 147 -12.37 3.97 -6.16
CA THR A 147 -13.02 3.94 -7.45
C THR A 147 -11.97 4.04 -8.51
N THR A 148 -12.20 3.38 -9.64
CA THR A 148 -11.39 3.61 -10.83
C THR A 148 -12.17 4.54 -11.73
N GLY A 149 -11.52 5.54 -12.29
CA GLY A 149 -12.24 6.60 -13.00
C GLY A 149 -11.92 6.48 -14.47
N THR A 150 -12.39 7.43 -15.26
CA THR A 150 -12.25 7.34 -16.70
C THR A 150 -10.96 8.10 -17.02
N GLU A 151 -10.45 8.83 -16.03
CA GLU A 151 -9.15 9.43 -16.17
C GLU A 151 -8.03 8.40 -16.01
N GLY A 152 -8.38 7.15 -15.90
CA GLY A 152 -7.37 6.12 -15.90
C GLY A 152 -6.70 6.01 -14.56
N ASN A 153 -7.32 6.57 -13.50
CA ASN A 153 -6.68 6.53 -12.20
C ASN A 153 -7.39 5.65 -11.22
N LEU A 154 -6.65 5.22 -10.22
CA LEU A 154 -7.34 4.52 -9.15
C LEU A 154 -7.41 5.50 -8.01
N ARG A 155 -8.64 5.86 -7.68
CA ARG A 155 -8.84 6.82 -6.63
C ARG A 155 -9.22 6.03 -5.39
N LEU A 156 -8.26 5.84 -4.51
CA LEU A 156 -8.48 4.94 -3.39
C LEU A 156 -9.40 5.52 -2.35
N THR A 157 -9.41 6.85 -2.19
CA THR A 157 -10.28 7.54 -1.24
C THR A 157 -11.27 8.50 -1.92
N ARG A 158 -12.45 8.69 -1.31
CA ARG A 158 -13.46 9.59 -1.88
C ARG A 158 -12.85 10.95 -2.20
N VAL A 159 -12.96 11.33 -3.46
CA VAL A 159 -12.79 12.70 -3.90
C VAL A 159 -14.22 13.25 -4.17
N SER A 160 -14.37 14.56 -4.01
CA SER A 160 -15.66 15.23 -4.22
C SER A 160 -15.68 15.74 -5.65
N SER A 161 -16.88 15.77 -6.24
CA SER A 161 -17.06 16.14 -7.64
C SER A 161 -16.04 17.21 -8.09
N ASN A 162 -15.91 18.25 -7.28
CA ASN A 162 -15.08 19.42 -7.63
C ASN A 162 -13.57 19.31 -7.35
N GLY A 163 -13.05 18.08 -7.23
CA GLY A 163 -11.60 17.81 -7.05
C GLY A 163 -11.05 17.65 -5.61
N SER A 164 -11.96 17.55 -4.63
CA SER A 164 -11.53 17.57 -3.23
C SER A 164 -11.58 16.25 -2.50
N PRO A 165 -10.45 15.88 -1.90
CA PRO A 165 -10.33 14.77 -0.97
C PRO A 165 -11.34 14.92 0.16
N GLN A 166 -12.19 13.92 0.32
CA GLN A 166 -13.07 13.87 1.50
C GLN A 166 -12.40 13.12 2.62
N GLY A 167 -12.68 13.57 3.86
CA GLY A 167 -12.21 12.91 5.09
C GLY A 167 -12.93 11.61 5.45
N SER A 168 -12.49 10.97 6.55
CA SER A 168 -13.04 9.69 7.02
C SER A 168 -13.12 8.59 5.97
N SER A 169 -12.36 8.71 4.90
CA SER A 169 -12.52 7.78 3.79
C SER A 169 -11.52 6.64 3.85
N VAL A 170 -11.91 5.47 3.39
CA VAL A 170 -10.96 4.38 3.36
C VAL A 170 -11.30 3.61 2.09
N GLY A 171 -10.27 3.23 1.32
CA GLY A 171 -10.49 2.47 0.09
C GLY A 171 -9.31 1.58 -0.30
N ARG A 172 -9.61 0.42 -0.88
CA ARG A 172 -8.55 -0.47 -1.28
C ARG A 172 -8.87 -1.09 -2.60
N ALA A 173 -7.81 -1.49 -3.30
CA ALA A 173 -7.92 -2.22 -4.53
C ALA A 173 -6.97 -3.39 -4.36
N LEU A 174 -7.56 -4.60 -4.39
CA LEU A 174 -6.77 -5.83 -4.41
C LEU A 174 -6.81 -6.39 -5.82
N PHE A 175 -5.70 -6.97 -6.23
CA PHE A 175 -5.68 -7.63 -7.52
C PHE A 175 -6.61 -8.82 -7.36
N TYR A 176 -7.30 -9.22 -8.41
CA TYR A 176 -8.39 -10.21 -8.30
C TYR A 176 -7.92 -11.65 -7.90
N ALA A 177 -6.83 -12.07 -8.54
CA ALA A 177 -6.23 -13.38 -8.38
C ALA A 177 -5.42 -13.45 -7.09
N PRO A 178 -5.65 -14.50 -6.30
CA PRO A 178 -4.74 -14.79 -5.27
C PRO A 178 -3.38 -14.98 -5.90
N VAL A 179 -2.37 -14.69 -5.10
CA VAL A 179 -1.00 -14.85 -5.49
C VAL A 179 -0.41 -15.90 -4.54
N HIS A 180 0.47 -16.72 -5.08
CA HIS A 180 1.09 -17.71 -4.29
C HIS A 180 2.42 -17.13 -3.87
N ILE A 181 2.48 -16.52 -2.69
CA ILE A 181 3.67 -15.69 -2.48
C ILE A 181 4.80 -16.45 -1.88
N TRP A 182 4.52 -17.64 -1.31
CA TRP A 182 5.59 -18.54 -0.88
C TRP A 182 5.16 -19.97 -1.06
N GLU A 183 6.13 -20.86 -1.11
CA GLU A 183 5.87 -22.26 -1.36
C GLU A 183 7.11 -22.88 -0.77
N SER A 184 6.96 -23.76 0.22
CA SER A 184 8.13 -24.12 1.03
C SER A 184 9.17 -24.84 0.19
N SER A 185 8.77 -25.41 -0.96
CA SER A 185 9.76 -25.96 -1.86
C SER A 185 10.42 -24.98 -2.88
N ALA A 186 9.97 -23.74 -2.91
CA ALA A 186 10.56 -22.75 -3.83
C ALA A 186 11.95 -22.38 -3.31
N VAL A 187 12.93 -22.21 -4.16
CA VAL A 187 14.20 -21.78 -3.57
C VAL A 187 14.25 -20.24 -3.53
N VAL A 188 13.67 -19.58 -4.52
CA VAL A 188 13.45 -18.16 -4.43
C VAL A 188 11.92 -17.88 -4.52
N ALA A 189 11.37 -17.15 -3.56
CA ALA A 189 10.02 -16.63 -3.68
C ALA A 189 10.20 -15.12 -3.51
N SER A 190 10.00 -14.39 -4.58
CA SER A 190 10.22 -12.98 -4.54
C SER A 190 8.99 -12.25 -5.01
N PHE A 191 8.87 -11.01 -4.59
CA PHE A 191 7.86 -10.17 -5.18
C PHE A 191 8.41 -8.76 -5.22
N GLU A 192 7.91 -8.03 -6.22
CA GLU A 192 8.24 -6.62 -6.44
C GLU A 192 6.86 -6.03 -6.67
N ALA A 193 6.64 -4.82 -6.24
CA ALA A 193 5.43 -4.11 -6.55
C ALA A 193 5.87 -2.66 -6.70
N THR A 194 5.23 -1.96 -7.58
CA THR A 194 5.61 -0.61 -7.92
C THR A 194 4.30 0.14 -8.10
N PHE A 195 4.20 1.35 -7.60
CA PHE A 195 2.98 2.14 -7.85
C PHE A 195 3.41 3.58 -7.85
N THR A 196 2.68 4.36 -8.61
CA THR A 196 2.87 5.80 -8.64
C THR A 196 1.59 6.30 -8.08
N PHE A 197 1.72 7.42 -7.41
CA PHE A 197 0.65 7.99 -6.67
C PHE A 197 0.77 9.50 -6.76
N LEU A 198 -0.32 10.16 -6.44
CA LEU A 198 -0.41 11.60 -6.42
C LEU A 198 -1.23 11.83 -5.14
N ILE A 199 -0.55 12.27 -4.09
CA ILE A 199 -1.22 12.75 -2.89
C ILE A 199 -1.31 14.29 -2.97
N LYS A 200 -2.52 14.80 -2.96
CA LYS A 200 -2.65 16.23 -3.04
C LYS A 200 -3.55 16.66 -1.89
N SER A 201 -3.14 17.70 -1.20
CA SER A 201 -4.00 18.22 -0.12
C SER A 201 -4.05 19.73 -0.11
N PRO A 202 -5.22 20.28 0.28
CA PRO A 202 -5.22 21.74 0.56
C PRO A 202 -5.21 21.89 2.08
N ASP A 203 -5.67 20.83 2.76
CA ASP A 203 -5.71 20.70 4.22
C ASP A 203 -4.53 21.16 5.07
N SER A 204 -4.81 21.69 6.27
CA SER A 204 -3.76 22.14 7.21
C SER A 204 -2.60 21.16 7.27
N HIS A 205 -2.95 19.89 7.28
CA HIS A 205 -1.97 18.83 7.20
C HIS A 205 -2.64 17.70 6.42
N PRO A 206 -1.91 17.14 5.42
CA PRO A 206 -2.41 15.95 4.71
C PRO A 206 -2.47 14.76 5.64
N ALA A 207 -3.37 13.86 5.34
CA ALA A 207 -3.46 12.59 6.01
C ALA A 207 -4.28 11.69 5.09
N ASP A 208 -4.16 10.36 5.17
CA ASP A 208 -3.36 9.64 6.16
C ASP A 208 -2.30 8.81 5.57
N GLY A 209 -2.43 8.53 4.26
CA GLY A 209 -1.43 7.90 3.44
C GLY A 209 -1.98 6.81 2.54
N ILE A 210 -1.05 6.12 1.88
CA ILE A 210 -1.24 4.97 0.98
C ILE A 210 -0.34 3.82 1.44
N ALA A 211 -0.88 2.62 1.42
CA ALA A 211 -0.04 1.45 1.65
C ALA A 211 -0.19 0.47 0.48
N PHE A 212 0.89 -0.20 0.12
CA PHE A 212 0.79 -1.48 -0.60
C PHE A 212 0.75 -2.53 0.49
N PHE A 213 -0.14 -3.49 0.35
CA PHE A 213 -0.25 -4.53 1.36
C PHE A 213 -0.47 -5.91 0.76
N ILE A 214 -0.17 -6.91 1.56
CA ILE A 214 -0.37 -8.29 1.16
C ILE A 214 -1.18 -8.91 2.30
N SER A 215 -2.25 -9.64 1.97
CA SER A 215 -3.11 -10.20 3.01
C SER A 215 -3.63 -11.56 2.66
N ASN A 216 -4.23 -12.23 3.61
CA ASN A 216 -5.02 -13.45 3.30
C ASN A 216 -5.95 -13.08 2.19
N ILE A 217 -6.34 -14.06 1.39
CA ILE A 217 -7.07 -13.73 0.16
C ILE A 217 -8.48 -13.13 0.38
N ASP A 218 -9.15 -13.55 1.47
CA ASP A 218 -10.52 -13.14 1.81
C ASP A 218 -10.50 -11.81 2.56
N SER A 219 -9.32 -11.19 2.69
CA SER A 219 -9.20 -9.93 3.41
C SER A 219 -10.13 -8.83 2.93
N SER A 220 -10.62 -8.04 3.89
CA SER A 220 -11.50 -6.91 3.59
C SER A 220 -11.19 -5.80 4.57
N ILE A 221 -11.75 -4.62 4.31
CA ILE A 221 -11.47 -3.44 5.11
C ILE A 221 -11.93 -3.69 6.53
N PRO A 222 -11.03 -3.43 7.47
CA PRO A 222 -11.45 -3.69 8.83
C PRO A 222 -12.41 -2.59 9.22
N SER A 223 -13.32 -2.93 10.13
CA SER A 223 -14.19 -1.97 10.87
C SER A 223 -13.51 -0.73 11.41
N GLY A 224 -14.11 0.42 11.13
CA GLY A 224 -13.54 1.72 11.52
C GLY A 224 -12.04 1.81 11.28
N SER A 225 -11.56 1.43 10.10
CA SER A 225 -10.08 1.47 9.86
C SER A 225 -9.64 2.67 9.03
N THR A 226 -10.47 3.71 9.01
CA THR A 226 -10.15 5.00 8.37
C THR A 226 -8.96 5.74 9.07
N GLY A 227 -8.56 6.89 8.53
CA GLY A 227 -7.50 7.66 9.16
C GLY A 227 -6.18 6.96 9.35
N ARG A 228 -5.74 6.84 10.59
CA ARG A 228 -4.40 6.38 10.85
C ARG A 228 -4.21 4.87 10.70
N LEU A 229 -5.30 4.12 10.68
CA LEU A 229 -5.23 2.66 10.50
C LEU A 229 -5.12 2.29 9.02
N LEU A 230 -5.05 3.32 8.19
CA LEU A 230 -4.67 3.20 6.75
C LEU A 230 -5.44 2.12 6.04
N GLY A 231 -6.64 1.81 6.51
CA GLY A 231 -7.44 0.75 5.89
C GLY A 231 -6.92 -0.66 5.98
N LEU A 232 -5.89 -0.86 6.81
CA LEU A 232 -5.28 -2.18 7.01
C LEU A 232 -5.58 -2.90 8.32
N PHE A 233 -5.63 -2.16 9.43
CA PHE A 233 -5.79 -2.74 10.75
C PHE A 233 -7.04 -2.37 11.55
N PRO A 234 -7.56 -3.31 12.36
CA PRO A 234 -8.76 -3.04 13.14
C PRO A 234 -8.45 -2.15 14.31
N ASP A 235 -7.18 -2.06 14.67
CA ASP A 235 -6.76 -1.29 15.83
C ASP A 235 -5.30 -0.93 15.61
N ALA A 236 -4.73 -0.23 16.60
CA ALA A 236 -3.36 0.33 16.58
C ALA A 236 -2.38 -0.46 17.46
N ASN A 237 -2.65 -1.74 17.63
CA ASN A 237 -1.77 -2.64 18.38
C ASN A 237 -0.47 -3.04 17.67
#